data_9M2E
#
_entry.id   9M2E
#
_cell.length_a   74.522
_cell.length_b   76.094
_cell.length_c   128.273
_cell.angle_alpha   90.000
_cell.angle_beta   90.000
_cell.angle_gamma   90.000
#
_symmetry.space_group_name_H-M   'P 21 21 21'
#
loop_
_entity.id
_entity.type
_entity.pdbx_description
1 polymer 'Nuclear receptor subfamily 4immunitygroup A member 1'
2 non-polymer 'dodecyl 1H-benzimidazole-5-carboxylate'
3 water water
#
_entity_poly.entity_id   1
_entity_poly.type   'polypeptide(L)'
_entity_poly.pdbx_seq_one_letter_code
;SKPKQPPDASPANLLTSLVRAHLDSGPSTAKLDYSKFQELVLPHFGKEDAGDVQQFYDLLSGSLEVIRKWAEKIPGFAEL
SPADQDLLLESAFLELFILRLAYRSKPGEGKLIFCSGLVLHRLQCARGFGDWIDSILAFSRSLHSLLVDVPAFACLSALV
LITDRHGLQEPRRVEELQNRIASCLKEHVAAVAGEPQPASCLSRLLGKLPELRTLCTQGLQRIFYLKLEDLVPPPPIIDK
IFMDTLPF
;
_entity_poly.pdbx_strand_id   BBB,AAA
#
loop_
_chem_comp.id
_chem_comp.type
_chem_comp.name
_chem_comp.formula
A1D7W non-polymer 'dodecyl 1H-benzimidazole-5-carboxylate' 'C20 H30 N2 O2'
#
# COMPACT_ATOMS: atom_id res chain seq x y z
N ALA A 12 -7.79 -30.62 27.22
CA ALA A 12 -8.99 -31.52 27.28
C ALA A 12 -10.21 -30.67 27.65
N ASN A 13 -10.41 -30.39 28.94
CA ASN A 13 -11.32 -29.29 29.39
C ASN A 13 -10.90 -28.03 28.63
N LEU A 14 -9.59 -27.84 28.46
CA LEU A 14 -8.99 -26.76 27.62
C LEU A 14 -9.63 -26.82 26.22
N LEU A 15 -9.42 -27.93 25.51
CA LEU A 15 -9.97 -28.16 24.15
C LEU A 15 -11.49 -27.91 24.17
N THR A 16 -12.20 -28.49 25.13
CA THR A 16 -13.67 -28.29 25.29
C THR A 16 -13.98 -26.81 25.42
N SER A 17 -13.18 -26.10 26.21
CA SER A 17 -13.36 -24.66 26.52
C SER A 17 -13.11 -23.86 25.25
N LEU A 18 -12.04 -24.22 24.54
CA LEU A 18 -11.61 -23.59 23.26
C LEU A 18 -12.71 -23.79 22.20
N VAL A 19 -13.26 -25.01 22.11
CA VAL A 19 -14.35 -25.35 21.16
C VAL A 19 -15.62 -24.55 21.54
N ARG A 20 -15.98 -24.52 22.81
CA ARG A 20 -17.22 -23.82 23.22
C ARG A 20 -17.11 -22.34 22.83
N ALA A 21 -15.95 -21.73 23.08
CA ALA A 21 -15.67 -20.28 22.84
C ALA A 21 -15.74 -20.00 21.33
N HIS A 22 -15.14 -20.85 20.51
CA HIS A 22 -15.20 -20.78 19.03
C HIS A 22 -16.66 -20.77 18.54
N LEU A 23 -17.46 -21.78 18.90
CA LEU A 23 -18.84 -21.93 18.34
C LEU A 23 -19.78 -20.86 18.90
N ASP A 24 -19.53 -20.38 20.13
CA ASP A 24 -20.33 -19.27 20.71
C ASP A 24 -19.97 -17.94 20.02
N SER A 25 -18.81 -17.86 19.33
CA SER A 25 -18.26 -16.62 18.72
C SER A 25 -18.74 -16.41 17.29
N GLY A 26 -19.67 -17.22 16.79
CA GLY A 26 -20.09 -17.19 15.37
C GLY A 26 -21.57 -17.51 15.25
N PRO A 27 -22.18 -17.32 14.05
CA PRO A 27 -23.62 -17.54 13.87
C PRO A 27 -23.93 -19.05 13.81
N SER A 28 -25.09 -19.43 14.32
CA SER A 28 -25.63 -20.79 14.08
C SER A 28 -25.97 -20.90 12.59
N THR A 29 -25.77 -22.04 11.93
CA THR A 29 -26.18 -22.22 10.51
C THR A 29 -27.60 -21.65 10.33
N ALA A 30 -28.43 -21.65 11.38
CA ALA A 30 -29.80 -21.07 11.42
C ALA A 30 -29.84 -19.55 11.63
N LYS A 31 -28.88 -18.92 12.32
CA LYS A 31 -28.81 -17.43 12.46
C LYS A 31 -28.25 -16.74 11.18
N LEU A 32 -28.04 -17.51 10.11
CA LEU A 32 -27.50 -16.98 8.83
C LEU A 32 -28.59 -16.15 8.14
N ASP A 33 -28.17 -15.04 7.53
CA ASP A 33 -29.05 -14.04 6.86
C ASP A 33 -28.63 -13.92 5.39
N TYR A 34 -29.48 -14.39 4.47
CA TYR A 34 -29.28 -14.25 3.00
C TYR A 34 -30.13 -13.12 2.42
N SER A 35 -30.71 -12.26 3.27
CA SER A 35 -31.73 -11.24 2.85
C SER A 35 -31.08 -10.14 2.01
N LYS A 36 -29.75 -10.01 2.04
CA LYS A 36 -29.00 -9.01 1.24
C LYS A 36 -28.09 -9.71 0.24
N PHE A 37 -28.04 -11.05 0.25
CA PHE A 37 -27.25 -11.87 -0.71
C PHE A 37 -27.79 -11.69 -2.13
N GLN A 38 -26.89 -11.53 -3.10
CA GLN A 38 -27.23 -11.38 -4.56
C GLN A 38 -26.18 -12.18 -5.36
N GLU A 39 -26.63 -13.22 -6.07
CA GLU A 39 -25.75 -14.18 -6.82
C GLU A 39 -25.43 -13.63 -8.21
N LEU A 40 -26.15 -12.61 -8.70
CA LEU A 40 -25.72 -11.83 -9.89
C LEU A 40 -25.95 -10.33 -9.66
N VAL A 41 -24.89 -9.59 -9.35
CA VAL A 41 -24.82 -8.11 -9.47
C VAL A 41 -23.92 -7.79 -10.68
N LEU A 42 -23.63 -6.51 -10.97
CA LEU A 42 -22.75 -6.11 -12.10
C LEU A 42 -21.28 -6.42 -11.77
N GLY A 46 -16.90 -0.28 -12.29
CA GLY A 46 -16.76 0.92 -11.44
C GLY A 46 -15.74 0.71 -10.33
N LYS A 47 -15.20 1.81 -9.78
CA LYS A 47 -14.27 1.83 -8.61
C LYS A 47 -15.04 2.18 -7.33
N GLU A 48 -14.37 2.10 -6.18
CA GLU A 48 -14.98 2.21 -4.83
C GLU A 48 -15.65 3.58 -4.67
N ASP A 49 -16.85 3.61 -4.09
CA ASP A 49 -17.52 4.84 -3.62
C ASP A 49 -17.60 4.81 -2.10
N ALA A 50 -18.14 5.85 -1.47
CA ALA A 50 -18.22 6.05 0.00
C ALA A 50 -18.99 4.88 0.64
N GLY A 51 -20.00 4.34 -0.04
CA GLY A 51 -20.82 3.22 0.44
C GLY A 51 -20.02 1.93 0.55
N ASP A 52 -19.16 1.66 -0.44
CA ASP A 52 -18.24 0.49 -0.43
C ASP A 52 -17.26 0.65 0.75
N VAL A 53 -16.80 1.85 1.05
CA VAL A 53 -15.76 2.05 2.10
C VAL A 53 -16.40 1.96 3.48
N GLN A 54 -17.61 2.50 3.64
CA GLN A 54 -18.40 2.40 4.89
C GLN A 54 -18.60 0.91 5.23
N GLN A 55 -19.02 0.12 4.24
CA GLN A 55 -19.33 -1.34 4.38
C GLN A 55 -18.06 -2.07 4.82
N PHE A 56 -16.94 -1.80 4.13
CA PHE A 56 -15.63 -2.37 4.49
C PHE A 56 -15.36 -2.12 5.99
N TYR A 57 -15.43 -0.87 6.44
CA TYR A 57 -15.20 -0.55 7.87
C TYR A 57 -16.27 -1.25 8.74
N ASP A 58 -17.53 -1.26 8.30
CA ASP A 58 -18.65 -1.82 9.11
C ASP A 58 -18.40 -3.32 9.32
N LEU A 59 -18.07 -4.04 8.25
CA LEU A 59 -17.77 -5.50 8.25
C LEU A 59 -16.57 -5.80 9.17
N LEU A 60 -15.52 -4.98 9.14
CA LEU A 60 -14.33 -5.12 10.03
C LEU A 60 -14.78 -4.90 11.48
N SER A 61 -15.42 -3.75 11.74
CA SER A 61 -15.93 -3.33 13.07
C SER A 61 -16.80 -4.44 13.68
N GLY A 62 -17.62 -5.14 12.87
CA GLY A 62 -18.54 -6.19 13.33
C GLY A 62 -17.86 -7.33 14.09
N SER A 63 -16.57 -7.57 13.88
CA SER A 63 -15.77 -8.65 14.50
C SER A 63 -15.09 -8.20 15.80
N LEU A 64 -15.08 -6.90 16.08
CA LEU A 64 -14.30 -6.29 17.19
C LEU A 64 -14.79 -6.85 18.53
N GLU A 65 -16.07 -6.63 18.81
CA GLU A 65 -16.65 -7.02 20.13
C GLU A 65 -16.66 -8.55 20.19
N VAL A 66 -16.90 -9.22 19.06
CA VAL A 66 -17.06 -10.70 18.97
C VAL A 66 -15.73 -11.35 19.32
N ILE A 67 -14.65 -10.91 18.69
CA ILE A 67 -13.29 -11.45 18.96
C ILE A 67 -12.90 -11.12 20.41
N ARG A 68 -13.25 -9.94 20.93
CA ARG A 68 -12.92 -9.60 22.34
C ARG A 68 -13.56 -10.64 23.29
N LYS A 69 -14.86 -10.87 23.15
CA LYS A 69 -15.65 -11.83 23.95
C LYS A 69 -15.12 -13.25 23.74
N TRP A 70 -14.73 -13.60 22.52
CA TRP A 70 -14.16 -14.94 22.26
C TRP A 70 -12.90 -15.13 23.10
N ALA A 71 -11.98 -14.17 23.06
CA ALA A 71 -10.66 -14.24 23.74
C ALA A 71 -10.84 -14.30 25.26
N GLU A 72 -11.77 -13.53 25.85
CA GLU A 72 -12.04 -13.61 27.31
C GLU A 72 -12.43 -15.04 27.71
N LYS A 73 -13.05 -15.80 26.81
CA LYS A 73 -13.48 -17.20 27.10
C LYS A 73 -12.33 -18.18 26.83
N ILE A 74 -11.16 -17.74 26.38
CA ILE A 74 -9.98 -18.65 26.29
C ILE A 74 -9.38 -18.78 27.69
N PRO A 75 -9.41 -20.00 28.29
CA PRO A 75 -8.77 -20.25 29.59
C PRO A 75 -7.33 -19.73 29.65
N GLY A 76 -7.03 -18.98 30.70
CA GLY A 76 -5.74 -18.30 30.88
C GLY A 76 -5.78 -16.88 30.35
N PHE A 77 -6.61 -16.57 29.35
CA PHE A 77 -6.46 -15.28 28.63
C PHE A 77 -6.69 -14.12 29.60
N ALA A 78 -7.68 -14.22 30.50
CA ALA A 78 -7.99 -13.17 31.50
C ALA A 78 -6.92 -13.12 32.59
N GLU A 79 -6.06 -14.13 32.71
CA GLU A 79 -4.96 -14.16 33.72
C GLU A 79 -3.78 -13.31 33.23
N LEU A 80 -3.77 -12.83 31.99
CA LEU A 80 -2.68 -11.99 31.44
C LEU A 80 -2.95 -10.55 31.86
N SER A 81 -1.93 -9.69 31.90
CA SER A 81 -2.08 -8.26 32.28
C SER A 81 -3.04 -7.60 31.30
N PRO A 82 -3.88 -6.64 31.76
CA PRO A 82 -4.78 -5.91 30.86
C PRO A 82 -4.06 -5.36 29.62
N ALA A 83 -2.86 -4.82 29.79
CA ALA A 83 -2.03 -4.25 28.70
C ALA A 83 -1.70 -5.33 27.67
N ASP A 84 -1.33 -6.52 28.14
CA ASP A 84 -0.93 -7.63 27.23
C ASP A 84 -2.18 -8.15 26.52
N GLN A 85 -3.32 -8.16 27.20
CA GLN A 85 -4.63 -8.51 26.60
C GLN A 85 -4.92 -7.57 25.41
N ASP A 86 -4.91 -6.26 25.65
CA ASP A 86 -5.21 -5.24 24.61
C ASP A 86 -4.21 -5.36 23.47
N LEU A 87 -2.95 -5.60 23.80
CA LEU A 87 -1.85 -5.64 22.81
C LEU A 87 -2.04 -6.88 21.93
N LEU A 88 -2.39 -8.02 22.54
CA LEU A 88 -2.60 -9.28 21.78
C LEU A 88 -3.80 -9.08 20.84
N LEU A 89 -4.87 -8.46 21.35
CA LEU A 89 -6.13 -8.29 20.58
C LEU A 89 -5.83 -7.43 19.36
N GLU A 90 -5.18 -6.29 19.57
CA GLU A 90 -4.83 -5.32 18.48
C GLU A 90 -3.95 -6.02 17.44
N SER A 91 -2.96 -6.75 17.91
CA SER A 91 -1.90 -7.33 17.06
C SER A 91 -2.47 -8.48 16.22
N ALA A 92 -3.53 -9.14 16.66
CA ALA A 92 -4.06 -10.33 15.97
C ALA A 92 -5.37 -10.00 15.27
N PHE A 93 -5.91 -8.81 15.48
CA PHE A 93 -7.31 -8.54 15.09
C PHE A 93 -7.53 -8.96 13.63
N LEU A 94 -6.76 -8.35 12.76
CA LEU A 94 -6.77 -8.58 11.29
C LEU A 94 -6.53 -10.07 11.00
N GLU A 95 -5.46 -10.66 11.51
CA GLU A 95 -5.23 -12.10 11.30
C GLU A 95 -6.46 -12.90 11.72
N LEU A 96 -7.11 -12.52 12.82
CA LEU A 96 -8.24 -13.30 13.38
C LEU A 96 -9.46 -13.12 12.47
N PHE A 97 -9.70 -11.90 12.03
CA PHE A 97 -10.81 -11.58 11.10
C PHE A 97 -10.66 -12.45 9.84
N ILE A 98 -9.45 -12.53 9.29
CA ILE A 98 -9.15 -13.24 8.02
C ILE A 98 -9.35 -14.74 8.26
N LEU A 99 -8.65 -15.30 9.24
CA LEU A 99 -8.67 -16.76 9.51
C LEU A 99 -10.12 -17.19 9.76
N ARG A 100 -10.86 -16.46 10.58
CA ARG A 100 -12.25 -16.84 10.93
C ARG A 100 -13.16 -16.70 9.69
N LEU A 101 -12.91 -15.71 8.83
CA LEU A 101 -13.73 -15.49 7.62
C LEU A 101 -13.40 -16.57 6.60
N ALA A 102 -12.12 -16.91 6.47
CA ALA A 102 -11.61 -17.96 5.58
C ALA A 102 -12.30 -19.29 5.95
N TYR A 103 -12.36 -19.63 7.23
CA TYR A 103 -12.89 -20.93 7.73
C TYR A 103 -14.42 -20.97 7.55
N ARG A 104 -15.10 -19.87 7.82
CA ARG A 104 -16.58 -19.80 7.87
C ARG A 104 -17.14 -19.70 6.45
N SER A 105 -16.31 -19.23 5.51
CA SER A 105 -16.77 -18.85 4.14
C SER A 105 -16.79 -20.10 3.23
N LYS A 106 -17.42 -19.93 2.07
CA LYS A 106 -17.61 -21.01 1.06
C LYS A 106 -16.96 -20.48 -0.22
N PRO A 107 -15.63 -20.65 -0.35
CA PRO A 107 -14.89 -20.12 -1.51
C PRO A 107 -15.39 -20.69 -2.83
N GLY A 108 -15.89 -21.94 -2.83
CA GLY A 108 -16.46 -22.61 -4.02
C GLY A 108 -17.60 -21.83 -4.64
N GLU A 109 -18.39 -21.11 -3.84
CA GLU A 109 -19.56 -20.29 -4.30
C GLU A 109 -19.19 -18.80 -4.26
N GLY A 110 -17.91 -18.49 -4.02
CA GLY A 110 -17.47 -17.11 -3.72
C GLY A 110 -18.35 -16.45 -2.67
N LYS A 111 -18.72 -17.21 -1.63
CA LYS A 111 -19.69 -16.84 -0.54
C LYS A 111 -18.92 -16.46 0.73
N LEU A 112 -19.00 -15.18 1.10
CA LEU A 112 -18.43 -14.66 2.37
C LEU A 112 -19.52 -14.75 3.41
N ILE A 113 -19.20 -15.36 4.56
CA ILE A 113 -20.11 -15.36 5.73
C ILE A 113 -19.40 -14.64 6.88
N PHE A 114 -19.98 -13.52 7.32
CA PHE A 114 -19.44 -12.65 8.40
C PHE A 114 -19.95 -13.16 9.76
N CYS A 115 -19.32 -12.74 10.86
CA CYS A 115 -19.61 -13.32 12.21
C CYS A 115 -20.99 -12.89 12.72
N SER A 116 -21.61 -11.87 12.13
CA SER A 116 -23.01 -11.47 12.44
C SER A 116 -24.01 -12.42 11.79
N GLY A 117 -23.57 -13.24 10.83
CA GLY A 117 -24.44 -14.12 10.03
C GLY A 117 -24.71 -13.56 8.64
N LEU A 118 -24.28 -12.33 8.36
CA LEU A 118 -24.47 -11.68 7.04
C LEU A 118 -23.75 -12.54 5.98
N VAL A 119 -24.43 -12.83 4.87
CA VAL A 119 -23.88 -13.55 3.70
C VAL A 119 -23.91 -12.62 2.48
N LEU A 120 -22.77 -12.50 1.82
CA LEU A 120 -22.50 -11.58 0.70
C LEU A 120 -21.68 -12.37 -0.33
N HIS A 121 -21.87 -12.10 -1.62
CA HIS A 121 -21.04 -12.66 -2.72
C HIS A 121 -19.73 -11.84 -2.76
N ARG A 122 -18.62 -12.37 -3.32
CA ARG A 122 -17.35 -11.59 -3.40
C ARG A 122 -17.60 -10.25 -4.10
N LEU A 123 -18.32 -10.25 -5.23
CA LEU A 123 -18.60 -9.03 -6.03
C LEU A 123 -19.30 -7.96 -5.17
N GLN A 124 -19.99 -8.35 -4.10
CA GLN A 124 -20.69 -7.37 -3.23
C GLN A 124 -19.72 -6.69 -2.24
N CYS A 125 -18.53 -7.25 -1.97
CA CYS A 125 -17.55 -6.64 -1.03
C CYS A 125 -16.33 -6.11 -1.78
N ALA A 126 -16.15 -6.54 -3.02
CA ALA A 126 -14.90 -6.42 -3.81
C ALA A 126 -14.49 -4.95 -3.98
N ARG A 127 -15.46 -4.05 -4.19
CA ARG A 127 -15.18 -2.59 -4.31
C ARG A 127 -14.48 -2.11 -3.02
N GLY A 128 -14.98 -2.49 -1.86
CA GLY A 128 -14.46 -2.01 -0.56
C GLY A 128 -13.13 -2.64 -0.20
N PHE A 129 -13.04 -3.96 -0.22
CA PHE A 129 -11.83 -4.73 0.18
C PHE A 129 -10.70 -4.61 -0.84
N GLY A 130 -11.03 -4.38 -2.13
CA GLY A 130 -10.12 -4.55 -3.27
C GLY A 130 -9.61 -5.98 -3.40
N ASP A 131 -8.45 -6.16 -4.03
CA ASP A 131 -7.78 -7.46 -4.36
C ASP A 131 -7.72 -8.37 -3.14
N TRP A 132 -7.52 -7.77 -1.97
CA TRP A 132 -7.34 -8.48 -0.70
C TRP A 132 -8.42 -9.57 -0.53
N ILE A 133 -9.67 -9.27 -0.92
CA ILE A 133 -10.79 -10.24 -0.84
C ILE A 133 -10.47 -11.49 -1.67
N ASP A 134 -9.83 -11.35 -2.83
CA ASP A 134 -9.46 -12.50 -3.70
C ASP A 134 -8.38 -13.31 -3.00
N SER A 135 -7.39 -12.66 -2.39
CA SER A 135 -6.28 -13.36 -1.69
C SER A 135 -6.86 -14.16 -0.52
N ILE A 136 -7.83 -13.56 0.17
CA ILE A 136 -8.55 -14.18 1.32
C ILE A 136 -9.26 -15.43 0.81
N LEU A 137 -10.00 -15.33 -0.30
CA LEU A 137 -10.67 -16.51 -0.88
C LEU A 137 -9.66 -17.57 -1.29
N ALA A 138 -8.49 -17.21 -1.82
CA ALA A 138 -7.44 -18.19 -2.18
C ALA A 138 -7.06 -18.94 -0.90
N PHE A 139 -6.90 -18.22 0.21
CA PHE A 139 -6.50 -18.74 1.54
C PHE A 139 -7.63 -19.65 2.08
N SER A 140 -8.88 -19.21 2.00
CA SER A 140 -10.08 -20.00 2.39
C SER A 140 -10.05 -21.34 1.66
N ARG A 141 -9.79 -21.36 0.35
CA ARG A 141 -9.74 -22.62 -0.46
C ARG A 141 -8.60 -23.50 0.05
N SER A 142 -7.39 -22.95 0.15
CA SER A 142 -6.21 -23.64 0.74
C SER A 142 -6.57 -24.25 2.11
N LEU A 143 -7.21 -23.47 2.99
CA LEU A 143 -7.58 -23.84 4.38
C LEU A 143 -8.63 -24.95 4.32
N HIS A 144 -9.67 -24.77 3.51
CA HIS A 144 -10.77 -25.75 3.32
C HIS A 144 -10.20 -27.10 2.87
N SER A 145 -9.17 -27.09 2.03
CA SER A 145 -8.52 -28.29 1.44
C SER A 145 -7.87 -29.16 2.52
N LEU A 146 -7.42 -28.54 3.61
CA LEU A 146 -6.75 -29.26 4.74
C LEU A 146 -7.81 -29.91 5.63
N LEU A 147 -9.09 -29.63 5.38
CA LEU A 147 -10.24 -30.23 6.10
C LEU A 147 -9.95 -30.22 7.60
N VAL A 148 -9.78 -29.02 8.14
CA VAL A 148 -9.51 -28.76 9.58
C VAL A 148 -10.82 -28.91 10.36
N ASP A 149 -10.83 -29.75 11.38
CA ASP A 149 -12.02 -29.98 12.25
C ASP A 149 -12.09 -28.79 13.23
N VAL A 150 -13.26 -28.58 13.82
CA VAL A 150 -13.53 -27.45 14.74
C VAL A 150 -12.54 -27.45 15.90
N PRO A 151 -12.31 -28.58 16.60
CA PRO A 151 -11.31 -28.61 17.69
C PRO A 151 -9.93 -28.06 17.29
N ALA A 152 -9.40 -28.51 16.16
CA ALA A 152 -8.07 -28.10 15.67
C ALA A 152 -8.09 -26.57 15.42
N PHE A 153 -9.17 -26.09 14.80
CA PHE A 153 -9.33 -24.68 14.41
C PHE A 153 -9.50 -23.83 15.66
N ALA A 154 -10.24 -24.33 16.66
CA ALA A 154 -10.41 -23.67 17.97
C ALA A 154 -9.03 -23.45 18.62
N CYS A 155 -8.09 -24.37 18.44
CA CYS A 155 -6.71 -24.25 18.98
C CYS A 155 -5.91 -23.28 18.11
N LEU A 156 -5.99 -23.46 16.78
CA LEU A 156 -5.27 -22.66 15.76
C LEU A 156 -5.58 -21.17 15.97
N SER A 157 -6.87 -20.82 16.03
CA SER A 157 -7.33 -19.43 16.15
C SER A 157 -6.72 -18.83 17.42
N ALA A 158 -6.66 -19.57 18.53
CA ALA A 158 -6.14 -19.11 19.83
C ALA A 158 -4.62 -18.95 19.74
N LEU A 159 -3.97 -19.80 18.95
CA LEU A 159 -2.50 -19.72 18.74
C LEU A 159 -2.16 -18.45 17.98
N VAL A 160 -3.05 -18.02 17.10
CA VAL A 160 -2.92 -16.73 16.37
C VAL A 160 -3.00 -15.59 17.38
N LEU A 161 -3.82 -15.71 18.43
CA LEU A 161 -3.99 -14.60 19.40
C LEU A 161 -2.82 -14.59 20.39
N ILE A 162 -2.56 -15.76 21.01
CA ILE A 162 -1.63 -15.94 22.15
C ILE A 162 -0.27 -16.26 21.54
N THR A 163 0.48 -15.22 21.21
CA THR A 163 1.72 -15.31 20.40
C THR A 163 2.61 -14.14 20.81
N ASP A 164 3.91 -14.26 20.57
CA ASP A 164 4.88 -13.20 20.92
C ASP A 164 4.55 -11.95 20.11
N ARG A 165 4.53 -10.80 20.78
CA ARG A 165 4.44 -9.43 20.19
C ARG A 165 5.43 -8.52 20.90
N HIS A 166 5.90 -7.47 20.22
CA HIS A 166 6.83 -6.45 20.78
C HIS A 166 6.03 -5.60 21.77
N GLY A 167 6.54 -5.45 22.99
CA GLY A 167 5.94 -4.57 24.02
C GLY A 167 5.09 -5.35 25.01
N LEU A 168 5.10 -6.69 24.95
CA LEU A 168 4.51 -7.55 26.01
C LEU A 168 5.25 -7.31 27.35
N GLN A 169 4.49 -7.08 28.43
CA GLN A 169 4.98 -7.02 29.82
C GLN A 169 5.38 -8.41 30.30
N GLU A 170 4.53 -9.42 30.13
CA GLU A 170 4.77 -10.80 30.65
C GLU A 170 4.91 -11.77 29.47
N PRO A 171 5.98 -11.64 28.64
CA PRO A 171 6.23 -12.55 27.52
C PRO A 171 6.35 -14.04 27.86
N ARG A 172 7.01 -14.36 28.98
CA ARG A 172 7.21 -15.76 29.45
C ARG A 172 5.83 -16.40 29.61
N ARG A 173 4.88 -15.66 30.17
CA ARG A 173 3.53 -16.17 30.52
C ARG A 173 2.72 -16.38 29.24
N VAL A 174 2.91 -15.52 28.24
CA VAL A 174 2.22 -15.66 26.93
C VAL A 174 2.75 -16.93 26.26
N GLU A 175 4.07 -17.10 26.21
CA GLU A 175 4.75 -18.30 25.64
C GLU A 175 4.24 -19.55 26.37
N GLU A 176 4.19 -19.50 27.70
CA GLU A 176 3.66 -20.60 28.54
C GLU A 176 2.28 -21.00 27.99
N LEU A 177 1.35 -20.05 27.92
CA LEU A 177 -0.07 -20.29 27.51
C LEU A 177 -0.11 -20.76 26.05
N GLN A 178 0.72 -20.18 25.20
CA GLN A 178 0.82 -20.65 23.79
C GLN A 178 1.19 -22.13 23.83
N ASN A 179 2.33 -22.47 24.48
CA ASN A 179 2.84 -23.85 24.68
C ASN A 179 1.69 -24.76 25.09
N ARG A 180 0.90 -24.35 26.10
CA ARG A 180 -0.22 -25.17 26.64
C ARG A 180 -1.23 -25.44 25.51
N ILE A 181 -1.63 -24.41 24.75
CA ILE A 181 -2.62 -24.52 23.65
C ILE A 181 -2.03 -25.40 22.53
N ALA A 182 -0.74 -25.23 22.20
CA ALA A 182 -0.03 -26.04 21.18
C ALA A 182 -0.10 -27.53 21.56
N SER A 183 0.18 -27.90 22.81
CA SER A 183 0.14 -29.30 23.32
C SER A 183 -1.28 -29.86 23.18
N CYS A 184 -2.29 -29.07 23.56
CA CYS A 184 -3.73 -29.44 23.50
C CYS A 184 -4.10 -29.78 22.06
N LEU A 185 -3.45 -29.13 21.09
CA LEU A 185 -3.67 -29.30 19.63
C LEU A 185 -2.99 -30.59 19.16
N LYS A 186 -1.66 -30.71 19.33
CA LYS A 186 -0.87 -31.95 19.03
C LYS A 186 -1.60 -33.17 19.60
N GLU A 187 -1.87 -33.16 20.91
CA GLU A 187 -2.62 -34.20 21.67
C GLU A 187 -3.85 -34.64 20.86
N HIS A 188 -4.63 -33.68 20.36
CA HIS A 188 -5.90 -33.90 19.62
C HIS A 188 -5.66 -34.47 18.22
N VAL A 189 -4.63 -33.98 17.51
CA VAL A 189 -4.34 -34.36 16.10
C VAL A 189 -3.82 -35.80 16.08
N ALA A 190 -3.02 -36.20 17.07
CA ALA A 190 -2.52 -37.59 17.24
C ALA A 190 -3.71 -38.54 17.48
N ALA A 191 -4.76 -38.04 18.15
CA ALA A 191 -6.00 -38.80 18.39
C ALA A 191 -6.74 -38.95 17.05
N SER A 200 3.37 -33.88 10.78
CA SER A 200 3.38 -33.30 9.40
C SER A 200 2.01 -32.69 9.06
N CYS A 201 0.91 -33.33 9.45
CA CYS A 201 -0.47 -32.77 9.42
C CYS A 201 -0.53 -31.52 10.32
N LEU A 202 0.05 -31.60 11.52
CA LEU A 202 0.27 -30.46 12.46
C LEU A 202 1.07 -29.36 11.77
N SER A 203 2.23 -29.70 11.19
CA SER A 203 3.16 -28.74 10.55
C SER A 203 2.52 -28.10 9.31
N ARG A 204 1.46 -28.67 8.74
CA ARG A 204 0.72 -28.05 7.59
C ARG A 204 -0.39 -27.14 8.12
N LEU A 205 -1.00 -27.48 9.26
CA LEU A 205 -1.90 -26.55 10.00
C LEU A 205 -1.11 -25.29 10.38
N LEU A 206 0.01 -25.48 11.09
CA LEU A 206 0.89 -24.38 11.57
C LEU A 206 1.49 -23.64 10.37
N GLY A 207 1.59 -24.28 9.20
CA GLY A 207 2.08 -23.68 7.94
C GLY A 207 1.24 -22.51 7.47
N LYS A 208 -0.05 -22.45 7.88
CA LYS A 208 -1.05 -21.42 7.48
C LYS A 208 -1.00 -20.18 8.38
N LEU A 209 -0.18 -20.15 9.43
CA LEU A 209 -0.04 -18.94 10.30
C LEU A 209 0.85 -17.90 9.61
N PRO A 210 1.99 -18.25 9.00
CA PRO A 210 2.79 -17.26 8.28
C PRO A 210 2.09 -16.68 7.03
N GLU A 211 1.39 -17.52 6.24
CA GLU A 211 0.65 -17.06 5.04
C GLU A 211 -0.47 -16.11 5.49
N LEU A 212 -0.99 -16.30 6.70
CA LEU A 212 -2.04 -15.45 7.33
C LEU A 212 -1.44 -14.08 7.68
N ARG A 213 -0.18 -14.04 8.13
CA ARG A 213 0.57 -12.78 8.42
C ARG A 213 0.75 -11.98 7.12
N THR A 214 1.14 -12.64 6.04
CA THR A 214 1.24 -12.03 4.69
C THR A 214 -0.11 -11.40 4.29
N LEU A 215 -1.22 -12.10 4.48
CA LEU A 215 -2.58 -11.58 4.21
C LEU A 215 -2.91 -10.40 5.13
N CYS A 216 -2.42 -10.41 6.37
CA CYS A 216 -2.52 -9.30 7.33
C CYS A 216 -1.89 -8.05 6.67
N THR A 217 -0.71 -8.24 6.08
CA THR A 217 0.00 -7.14 5.39
C THR A 217 -0.92 -6.52 4.32
N GLN A 218 -1.62 -7.31 3.52
CA GLN A 218 -2.50 -6.76 2.44
C GLN A 218 -3.61 -5.91 3.05
N GLY A 219 -4.14 -6.33 4.19
CA GLY A 219 -5.17 -5.58 4.93
C GLY A 219 -4.64 -4.22 5.37
N LEU A 220 -3.42 -4.18 5.90
CA LEU A 220 -2.77 -2.90 6.29
C LEU A 220 -2.59 -2.03 5.04
N GLN A 221 -2.14 -2.61 3.92
CA GLN A 221 -2.00 -1.90 2.63
C GLN A 221 -3.33 -1.29 2.21
N ARG A 222 -4.44 -2.03 2.36
CA ARG A 222 -5.77 -1.57 1.87
C ARG A 222 -6.25 -0.41 2.74
N ILE A 223 -6.13 -0.51 4.05
CA ILE A 223 -6.54 0.55 5.02
C ILE A 223 -5.70 1.80 4.72
N PHE A 224 -4.38 1.64 4.57
CA PHE A 224 -3.46 2.74 4.18
C PHE A 224 -4.10 3.46 3.01
N TYR A 225 -4.37 2.72 1.95
CA TYR A 225 -4.87 3.25 0.66
C TYR A 225 -6.19 3.98 0.88
N LEU A 226 -7.11 3.38 1.65
CA LEU A 226 -8.44 3.95 1.93
C LEU A 226 -8.28 5.22 2.77
N LYS A 227 -7.33 5.25 3.71
CA LYS A 227 -7.03 6.46 4.52
C LYS A 227 -6.48 7.57 3.61
N LEU A 228 -5.56 7.23 2.71
CA LEU A 228 -5.06 8.16 1.67
C LEU A 228 -6.25 8.77 0.94
N GLU A 229 -7.09 7.92 0.34
CA GLU A 229 -8.22 8.28 -0.57
C GLU A 229 -9.27 9.09 0.20
N ASP A 230 -9.57 8.69 1.44
CA ASP A 230 -10.36 9.43 2.44
C ASP A 230 -11.79 9.71 1.95
N LEU A 231 -12.40 8.80 1.18
CA LEU A 231 -13.86 8.85 0.93
C LEU A 231 -14.58 8.87 2.28
N VAL A 232 -14.28 7.91 3.16
CA VAL A 232 -14.77 7.91 4.57
C VAL A 232 -13.62 7.49 5.46
N PRO A 233 -13.40 8.18 6.60
CA PRO A 233 -12.27 7.89 7.47
C PRO A 233 -12.54 6.56 8.18
N PRO A 234 -11.48 5.86 8.60
CA PRO A 234 -11.64 4.63 9.37
C PRO A 234 -12.23 5.00 10.73
N PRO A 235 -13.10 4.14 11.33
CA PRO A 235 -13.60 4.43 12.67
C PRO A 235 -12.45 4.37 13.69
N PRO A 236 -12.54 5.09 14.81
CA PRO A 236 -11.40 5.29 15.71
C PRO A 236 -10.63 4.02 16.08
N ILE A 237 -11.35 2.93 16.34
CA ILE A 237 -10.77 1.68 16.90
C ILE A 237 -9.96 0.97 15.82
N ILE A 238 -10.47 0.92 14.58
CA ILE A 238 -9.73 0.38 13.40
C ILE A 238 -8.48 1.23 13.21
N ASP A 239 -8.64 2.55 13.23
CA ASP A 239 -7.54 3.51 13.07
C ASP A 239 -6.44 3.21 14.10
N LYS A 240 -6.82 2.95 15.34
CA LYS A 240 -5.84 2.76 16.44
C LYS A 240 -5.11 1.44 16.18
N ILE A 241 -5.86 0.41 15.81
CA ILE A 241 -5.27 -0.90 15.44
C ILE A 241 -4.29 -0.67 14.29
N PHE A 242 -4.66 0.13 13.28
CA PHE A 242 -3.80 0.41 12.12
C PHE A 242 -2.49 1.03 12.60
N MET A 243 -2.58 2.13 13.35
CA MET A 243 -1.41 2.93 13.83
C MET A 243 -0.57 2.06 14.78
N ASP A 244 -1.20 1.41 15.76
CA ASP A 244 -0.45 0.70 16.83
C ASP A 244 0.22 -0.54 16.25
N THR A 245 -0.11 -0.95 15.02
CA THR A 245 0.40 -2.24 14.49
C THR A 245 1.42 -1.95 13.37
N LEU A 246 1.85 -0.70 13.23
CA LEU A 246 2.98 -0.34 12.33
C LEU A 246 4.28 -0.35 13.13
N PRO A 247 5.19 -1.32 12.87
CA PRO A 247 6.47 -1.40 13.58
C PRO A 247 7.41 -0.16 13.59
N PHE A 248 7.20 0.82 12.70
CA PHE A 248 8.07 2.02 12.47
C PHE A 248 7.48 3.27 13.12
N ALA B 12 11.13 33.20 -25.43
CA ALA B 12 11.27 34.03 -24.20
C ALA B 12 12.54 33.62 -23.44
N ASN B 13 13.25 34.60 -22.87
CA ASN B 13 14.51 34.36 -22.12
C ASN B 13 14.22 33.38 -20.97
N LEU B 14 13.00 33.42 -20.42
CA LEU B 14 12.46 32.42 -19.45
C LEU B 14 12.51 31.01 -20.08
N LEU B 15 11.87 30.82 -21.22
CA LEU B 15 11.85 29.53 -21.95
C LEU B 15 13.29 29.00 -22.11
N THR B 16 14.22 29.85 -22.55
CA THR B 16 15.66 29.49 -22.69
C THR B 16 16.20 28.97 -21.35
N SER B 17 15.85 29.65 -20.25
CA SER B 17 16.28 29.32 -18.87
C SER B 17 15.67 27.98 -18.48
N LEU B 18 14.37 27.84 -18.75
CA LEU B 18 13.56 26.63 -18.46
C LEU B 18 14.13 25.43 -19.23
N VAL B 19 14.48 25.63 -20.51
CA VAL B 19 15.06 24.56 -21.38
C VAL B 19 16.44 24.20 -20.86
N ARG B 20 17.27 25.19 -20.53
CA ARG B 20 18.66 24.97 -20.04
C ARG B 20 18.59 24.07 -18.80
N ALA B 21 17.69 24.40 -17.87
CA ALA B 21 17.55 23.72 -16.56
C ALA B 21 17.05 22.30 -16.78
N HIS B 22 16.06 22.10 -17.65
CA HIS B 22 15.53 20.76 -18.03
C HIS B 22 16.66 19.90 -18.60
N LEU B 23 17.36 20.39 -19.64
CA LEU B 23 18.39 19.60 -20.37
C LEU B 23 19.60 19.36 -19.48
N ASP B 24 19.92 20.28 -18.58
CA ASP B 24 21.04 20.11 -17.62
C ASP B 24 20.66 19.08 -16.56
N SER B 25 19.36 18.81 -16.34
CA SER B 25 18.84 17.95 -15.23
C SER B 25 18.76 16.48 -15.63
N GLY B 26 19.27 16.08 -16.79
CA GLY B 26 19.22 14.68 -17.25
C GLY B 26 20.40 14.35 -18.16
N PRO B 27 20.54 13.07 -18.59
CA PRO B 27 21.63 12.67 -19.47
C PRO B 27 21.41 13.11 -20.92
N SER B 28 22.50 13.46 -21.62
CA SER B 28 22.57 13.51 -23.11
C SER B 28 22.62 12.07 -23.65
N THR B 29 22.04 11.85 -24.83
CA THR B 29 21.92 10.50 -25.45
C THR B 29 23.28 9.81 -25.53
N ALA B 30 24.38 10.54 -25.31
CA ALA B 30 25.75 9.98 -25.26
C ALA B 30 26.11 9.47 -23.85
N LYS B 31 25.70 10.16 -22.77
CA LYS B 31 26.16 9.82 -21.39
C LYS B 31 25.20 8.77 -20.76
N LEU B 32 24.45 8.02 -21.58
CA LEU B 32 23.65 6.84 -21.15
C LEU B 32 24.59 5.73 -20.68
N ASP B 33 24.28 5.07 -19.56
CA ASP B 33 25.18 4.10 -18.87
C ASP B 33 24.48 2.73 -18.79
N TYR B 34 24.98 1.74 -19.53
CA TYR B 34 24.41 0.39 -19.63
C TYR B 34 25.16 -0.63 -18.76
N SER B 35 26.02 -0.17 -17.84
CA SER B 35 26.94 -1.01 -17.04
C SER B 35 26.18 -1.96 -16.10
N LYS B 36 24.90 -1.68 -15.82
CA LYS B 36 24.07 -2.52 -14.92
C LYS B 36 22.88 -3.09 -15.72
N PHE B 37 22.71 -2.70 -16.98
CA PHE B 37 21.60 -3.13 -17.86
C PHE B 37 21.71 -4.64 -18.15
N GLN B 38 20.58 -5.35 -18.10
CA GLN B 38 20.45 -6.77 -18.53
C GLN B 38 19.11 -6.91 -19.26
N GLU B 39 19.16 -7.15 -20.57
CA GLU B 39 17.98 -7.15 -21.48
C GLU B 39 16.99 -8.21 -20.99
N LEU B 40 17.45 -9.21 -20.26
CA LEU B 40 16.59 -10.25 -19.63
C LEU B 40 17.21 -10.70 -18.31
N VAL B 41 16.52 -10.51 -17.19
CA VAL B 41 16.84 -11.20 -15.91
C VAL B 41 15.64 -12.11 -15.59
N LEU B 42 15.85 -13.15 -14.76
CA LEU B 42 14.78 -14.10 -14.34
C LEU B 42 14.44 -13.86 -12.87
N PRO B 43 13.55 -12.89 -12.55
CA PRO B 43 13.22 -12.60 -11.16
C PRO B 43 12.14 -13.55 -10.63
N HIS B 44 12.21 -13.81 -9.33
CA HIS B 44 11.10 -14.24 -8.46
C HIS B 44 10.22 -13.00 -8.19
N PHE B 45 9.08 -12.85 -8.88
CA PHE B 45 8.15 -11.69 -8.76
C PHE B 45 7.38 -11.72 -7.43
N GLY B 46 6.84 -10.56 -7.01
CA GLY B 46 5.98 -10.40 -5.83
C GLY B 46 6.77 -10.38 -4.54
N LYS B 47 8.10 -10.28 -4.66
CA LYS B 47 9.08 -10.20 -3.53
C LYS B 47 10.38 -9.55 -4.02
N GLU B 48 11.32 -9.34 -3.10
CA GLU B 48 12.46 -8.40 -3.25
C GLU B 48 13.47 -8.70 -2.16
N ASP B 49 14.74 -8.38 -2.39
CA ASP B 49 15.79 -8.49 -1.37
C ASP B 49 16.29 -7.07 -1.03
N ALA B 50 17.19 -6.97 -0.06
CA ALA B 50 17.72 -5.70 0.48
C ALA B 50 18.35 -4.86 -0.64
N GLY B 51 18.96 -5.53 -1.62
CA GLY B 51 19.64 -4.89 -2.75
C GLY B 51 18.66 -4.18 -3.65
N ASP B 52 17.53 -4.82 -3.96
CA ASP B 52 16.43 -4.23 -4.77
C ASP B 52 15.92 -3.00 -4.04
N VAL B 53 15.76 -3.06 -2.72
CA VAL B 53 15.07 -1.97 -1.96
C VAL B 53 16.03 -0.79 -1.81
N GLN B 54 17.32 -1.05 -1.57
CA GLN B 54 18.35 0.01 -1.46
C GLN B 54 18.40 0.79 -2.79
N GLN B 55 18.42 0.08 -3.91
CA GLN B 55 18.51 0.68 -5.26
C GLN B 55 17.26 1.55 -5.55
N PHE B 56 16.08 1.03 -5.23
CA PHE B 56 14.80 1.77 -5.29
C PHE B 56 14.98 3.09 -4.55
N TYR B 57 15.38 3.05 -3.28
CA TYR B 57 15.60 4.29 -2.48
C TYR B 57 16.71 5.13 -3.13
N ASP B 58 17.77 4.52 -3.64
CA ASP B 58 18.94 5.28 -4.17
C ASP B 58 18.49 6.05 -5.41
N LEU B 59 17.74 5.42 -6.31
CA LEU B 59 17.16 6.05 -7.52
C LEU B 59 16.21 7.20 -7.14
N LEU B 60 15.38 7.03 -6.11
CA LEU B 60 14.50 8.10 -5.56
C LEU B 60 15.35 9.26 -5.03
N SER B 61 16.28 8.95 -4.12
CA SER B 61 17.25 9.91 -3.53
C SER B 61 17.93 10.74 -4.62
N GLY B 62 18.42 10.08 -5.66
CA GLY B 62 19.27 10.70 -6.70
C GLY B 62 18.47 11.67 -7.54
N SER B 63 17.18 11.37 -7.70
CA SER B 63 16.22 12.15 -8.53
C SER B 63 15.84 13.41 -7.75
N LEU B 64 15.66 13.31 -6.43
CA LEU B 64 15.37 14.49 -5.58
C LEU B 64 16.55 15.50 -5.66
N GLU B 65 17.79 15.04 -5.60
CA GLU B 65 18.99 15.93 -5.59
C GLU B 65 19.06 16.67 -6.92
N VAL B 66 18.79 15.95 -8.00
CA VAL B 66 18.80 16.49 -9.39
C VAL B 66 17.62 17.44 -9.55
N ILE B 67 16.43 17.06 -9.08
CA ILE B 67 15.20 17.89 -9.16
C ILE B 67 15.43 19.14 -8.30
N ARG B 68 16.06 19.03 -7.14
CA ARG B 68 16.40 20.21 -6.29
C ARG B 68 17.23 21.20 -7.12
N LYS B 69 18.30 20.73 -7.75
CA LYS B 69 19.22 21.58 -8.55
C LYS B 69 18.48 22.13 -9.77
N TRP B 70 17.61 21.35 -10.38
CA TRP B 70 16.80 21.83 -11.53
C TRP B 70 15.93 23.03 -11.07
N ALA B 71 15.24 22.92 -9.94
CA ALA B 71 14.31 23.95 -9.43
C ALA B 71 15.07 25.23 -9.05
N GLU B 72 16.25 25.12 -8.45
CA GLU B 72 17.09 26.31 -8.13
C GLU B 72 17.41 27.08 -9.43
N LYS B 73 17.44 26.42 -10.59
CA LYS B 73 17.70 27.06 -11.90
C LYS B 73 16.42 27.66 -12.50
N ILE B 74 15.25 27.44 -11.92
CA ILE B 74 14.00 28.09 -12.43
C ILE B 74 14.00 29.55 -11.95
N PRO B 75 14.07 30.54 -12.88
CA PRO B 75 14.03 31.96 -12.52
C PRO B 75 12.88 32.29 -11.57
N GLY B 76 13.19 33.00 -10.50
CA GLY B 76 12.24 33.31 -9.41
C GLY B 76 12.25 32.25 -8.31
N PHE B 77 12.58 31.00 -8.60
CA PHE B 77 12.37 29.90 -7.62
C PHE B 77 13.23 30.15 -6.39
N ALA B 78 14.48 30.60 -6.58
CA ALA B 78 15.47 30.77 -5.48
C ALA B 78 15.07 31.91 -4.54
N GLU B 79 14.26 32.85 -5.02
CA GLU B 79 13.84 34.03 -4.20
C GLU B 79 12.55 33.74 -3.45
N LEU B 80 11.93 32.57 -3.60
CA LEU B 80 10.80 32.15 -2.72
C LEU B 80 11.40 31.86 -1.35
N SER B 81 10.62 31.89 -0.28
CA SER B 81 11.10 31.56 1.09
C SER B 81 11.65 30.13 1.09
N PRO B 82 12.72 29.86 1.86
CA PRO B 82 13.22 28.49 2.02
C PRO B 82 12.10 27.48 2.29
N ALA B 83 11.16 27.82 3.17
CA ALA B 83 10.04 26.94 3.59
C ALA B 83 9.16 26.63 2.37
N ASP B 84 8.88 27.62 1.53
CA ASP B 84 8.01 27.45 0.34
C ASP B 84 8.75 26.59 -0.67
N GLN B 85 10.06 26.77 -0.78
CA GLN B 85 10.93 25.95 -1.66
C GLN B 85 10.80 24.48 -1.26
N ASP B 86 11.06 24.17 0.01
CA ASP B 86 11.04 22.78 0.55
C ASP B 86 9.63 22.21 0.33
N LEU B 87 8.60 23.02 0.57
CA LEU B 87 7.21 22.54 0.53
C LEU B 87 6.84 22.23 -0.92
N LEU B 88 7.26 23.07 -1.87
CA LEU B 88 6.96 22.82 -3.30
C LEU B 88 7.69 21.55 -3.72
N LEU B 89 8.95 21.41 -3.34
CA LEU B 89 9.82 20.29 -3.76
C LEU B 89 9.22 18.97 -3.24
N GLU B 90 8.88 18.92 -1.96
CA GLU B 90 8.25 17.75 -1.30
C GLU B 90 6.93 17.41 -1.99
N SER B 91 6.08 18.41 -2.23
CA SER B 91 4.70 18.22 -2.73
C SER B 91 4.74 17.68 -4.15
N ALA B 92 5.75 18.04 -4.95
CA ALA B 92 5.79 17.67 -6.38
C ALA B 92 6.78 16.52 -6.64
N PHE B 93 7.62 16.20 -5.67
CA PHE B 93 8.76 15.30 -5.92
C PHE B 93 8.31 14.08 -6.72
N LEU B 94 7.39 13.32 -6.15
CA LEU B 94 6.85 12.08 -6.77
C LEU B 94 6.26 12.36 -8.15
N GLU B 95 5.36 13.33 -8.30
CA GLU B 95 4.86 13.67 -9.67
C GLU B 95 6.05 13.96 -10.58
N LEU B 96 7.07 14.65 -10.11
CA LEU B 96 8.19 15.08 -10.96
C LEU B 96 9.04 13.86 -11.32
N PHE B 97 9.29 12.98 -10.36
CA PHE B 97 10.06 11.75 -10.60
C PHE B 97 9.34 10.93 -11.70
N ILE B 98 8.04 10.76 -11.57
CA ILE B 98 7.21 9.93 -12.52
C ILE B 98 7.22 10.58 -13.91
N LEU B 99 6.79 11.84 -13.98
CA LEU B 99 6.65 12.58 -15.26
C LEU B 99 7.98 12.59 -15.99
N ARG B 100 9.06 12.92 -15.29
CA ARG B 100 10.40 12.99 -15.92
C ARG B 100 10.83 11.59 -16.36
N LEU B 101 10.58 10.56 -15.55
CA LEU B 101 10.99 9.17 -15.88
C LEU B 101 10.19 8.67 -17.08
N ALA B 102 8.89 8.97 -17.10
CA ALA B 102 7.98 8.59 -18.19
C ALA B 102 8.47 9.24 -19.48
N TYR B 103 8.84 10.51 -19.44
CA TYR B 103 9.24 11.32 -20.63
C TYR B 103 10.59 10.83 -21.17
N ARG B 104 11.54 10.49 -20.31
CA ARG B 104 12.90 10.14 -20.80
C ARG B 104 12.95 8.64 -21.15
N SER B 105 11.99 7.81 -20.71
CA SER B 105 12.10 6.33 -20.81
C SER B 105 11.66 5.82 -22.20
N LYS B 106 11.98 4.55 -22.49
CA LYS B 106 11.77 3.92 -23.83
C LYS B 106 10.88 2.69 -23.60
N PRO B 107 9.56 2.89 -23.41
CA PRO B 107 8.68 1.78 -23.05
C PRO B 107 8.59 0.71 -24.15
N GLY B 108 8.81 1.09 -25.42
CA GLY B 108 8.82 0.13 -26.54
C GLY B 108 9.92 -0.92 -26.42
N GLU B 109 11.01 -0.64 -25.70
CA GLU B 109 12.13 -1.58 -25.44
C GLU B 109 12.13 -1.97 -23.97
N GLY B 110 11.05 -1.65 -23.26
CA GLY B 110 10.91 -1.93 -21.82
C GLY B 110 12.06 -1.34 -21.02
N LYS B 111 12.54 -0.16 -21.41
CA LYS B 111 13.77 0.51 -20.86
C LYS B 111 13.40 1.71 -19.98
N LEU B 112 13.71 1.61 -18.68
CA LEU B 112 13.68 2.74 -17.72
C LEU B 112 15.02 3.48 -17.82
N ILE B 113 14.99 4.78 -18.01
CA ILE B 113 16.23 5.62 -18.03
C ILE B 113 16.11 6.63 -16.89
N PHE B 114 16.99 6.54 -15.91
CA PHE B 114 17.02 7.43 -14.72
C PHE B 114 17.87 8.67 -15.03
N CYS B 115 17.73 9.69 -14.22
CA CYS B 115 18.28 11.05 -14.44
C CYS B 115 19.82 11.02 -14.31
N SER B 116 20.41 10.00 -13.70
CA SER B 116 21.88 9.80 -13.62
C SER B 116 22.42 9.30 -14.97
N GLY B 117 21.54 8.82 -15.86
CA GLY B 117 21.93 8.12 -17.10
C GLY B 117 21.78 6.61 -16.96
N LEU B 118 21.58 6.09 -15.74
CA LEU B 118 21.44 4.63 -15.51
C LEU B 118 20.23 4.10 -16.31
N VAL B 119 20.44 3.00 -17.01
CA VAL B 119 19.43 2.25 -17.80
C VAL B 119 19.25 0.87 -17.17
N LEU B 120 17.99 0.54 -16.92
CA LEU B 120 17.53 -0.70 -16.25
C LEU B 120 16.32 -1.20 -17.04
N HIS B 121 16.23 -2.52 -17.21
CA HIS B 121 15.11 -3.15 -17.97
C HIS B 121 13.91 -3.17 -17.02
N ARG B 122 12.67 -3.20 -17.54
CA ARG B 122 11.41 -3.34 -16.73
C ARG B 122 11.63 -4.43 -15.66
N LEU B 123 12.17 -5.57 -16.08
CA LEU B 123 12.34 -6.81 -15.26
C LEU B 123 13.37 -6.58 -14.15
N GLN B 124 14.31 -5.65 -14.28
CA GLN B 124 15.28 -5.33 -13.19
C GLN B 124 14.66 -4.40 -12.16
N CYS B 125 13.60 -3.66 -12.52
CA CYS B 125 12.91 -2.68 -11.67
C CYS B 125 11.76 -3.33 -10.94
N ALA B 126 11.19 -4.39 -11.51
CA ALA B 126 10.07 -5.18 -10.97
C ALA B 126 10.26 -5.52 -9.48
N ARG B 127 11.42 -6.00 -9.07
CA ARG B 127 11.66 -6.42 -7.67
C ARG B 127 11.55 -5.20 -6.75
N GLY B 128 12.25 -4.10 -7.04
CA GLY B 128 12.26 -2.92 -6.15
C GLY B 128 10.94 -2.16 -6.15
N PHE B 129 10.43 -1.85 -7.35
CA PHE B 129 9.30 -0.90 -7.59
C PHE B 129 7.96 -1.59 -7.52
N GLY B 130 7.89 -2.91 -7.76
CA GLY B 130 6.63 -3.66 -7.98
C GLY B 130 5.90 -3.15 -9.22
N ASP B 131 4.58 -3.39 -9.28
CA ASP B 131 3.60 -3.01 -10.33
C ASP B 131 3.81 -1.58 -10.81
N TRP B 132 4.11 -0.70 -9.87
CA TRP B 132 4.24 0.76 -10.10
C TRP B 132 5.08 1.02 -11.37
N ILE B 133 6.17 0.27 -11.55
CA ILE B 133 7.08 0.45 -12.71
C ILE B 133 6.29 0.16 -14.00
N ASP B 134 5.41 -0.83 -13.99
CA ASP B 134 4.59 -1.19 -15.19
C ASP B 134 3.60 -0.05 -15.47
N SER B 135 2.95 0.50 -14.43
CA SER B 135 1.97 1.61 -14.60
C SER B 135 2.70 2.84 -15.15
N ILE B 136 3.93 3.07 -14.70
CA ILE B 136 4.77 4.21 -15.16
C ILE B 136 5.06 4.00 -16.64
N LEU B 137 5.46 2.80 -17.06
CA LEU B 137 5.65 2.50 -18.50
C LEU B 137 4.35 2.71 -19.30
N ALA B 138 3.19 2.37 -18.76
CA ALA B 138 1.90 2.61 -19.45
C ALA B 138 1.77 4.11 -19.69
N PHE B 139 2.12 4.91 -18.67
CA PHE B 139 2.03 6.39 -18.69
C PHE B 139 3.04 6.96 -19.69
N SER B 140 4.27 6.44 -19.71
CA SER B 140 5.33 6.82 -20.68
C SER B 140 4.78 6.69 -22.11
N ARG B 141 4.12 5.59 -22.43
CA ARG B 141 3.50 5.36 -23.76
C ARG B 141 2.44 6.41 -24.06
N SER B 142 1.47 6.55 -23.17
CA SER B 142 0.42 7.60 -23.22
C SER B 142 1.06 8.98 -23.47
N LEU B 143 2.09 9.35 -22.69
CA LEU B 143 2.80 10.65 -22.73
C LEU B 143 3.49 10.80 -24.09
N HIS B 144 4.23 9.76 -24.51
CA HIS B 144 4.98 9.73 -25.79
C HIS B 144 4.03 10.01 -26.96
N SER B 145 2.82 9.45 -26.91
CA SER B 145 1.84 9.52 -28.02
C SER B 145 1.29 10.96 -28.17
N LEU B 146 1.47 11.83 -27.18
CA LEU B 146 1.03 13.24 -27.21
C LEU B 146 2.10 14.14 -27.82
N LEU B 147 3.28 13.61 -28.09
CA LEU B 147 4.36 14.32 -28.84
C LEU B 147 4.51 15.74 -28.28
N VAL B 148 4.84 15.82 -26.99
CA VAL B 148 5.17 17.08 -26.29
C VAL B 148 6.66 17.36 -26.56
N ASP B 149 6.96 18.54 -27.10
CA ASP B 149 8.36 18.96 -27.42
C ASP B 149 9.04 19.38 -26.10
N VAL B 150 10.37 19.42 -26.11
CA VAL B 150 11.21 19.73 -24.92
C VAL B 150 10.78 21.06 -24.30
N PRO B 151 10.67 22.17 -25.08
CA PRO B 151 10.26 23.45 -24.49
C PRO B 151 8.94 23.38 -23.71
N ALA B 152 7.92 22.76 -24.28
CA ALA B 152 6.59 22.62 -23.63
C ALA B 152 6.76 21.82 -22.34
N PHE B 153 7.54 20.75 -22.39
CA PHE B 153 7.73 19.83 -21.25
C PHE B 153 8.55 20.55 -20.17
N ALA B 154 9.55 21.34 -20.57
CA ALA B 154 10.36 22.18 -19.64
C ALA B 154 9.43 23.14 -18.88
N CYS B 155 8.36 23.63 -19.51
CA CYS B 155 7.38 24.53 -18.87
C CYS B 155 6.43 23.71 -18.01
N LEU B 156 5.92 22.61 -18.55
CA LEU B 156 4.91 21.75 -17.85
C LEU B 156 5.54 21.19 -16.57
N SER B 157 6.76 20.68 -16.61
CA SER B 157 7.43 20.11 -15.42
C SER B 157 7.50 21.19 -14.34
N ALA B 158 7.80 22.45 -14.71
CA ALA B 158 7.93 23.58 -13.77
C ALA B 158 6.56 23.95 -13.23
N LEU B 159 5.52 23.83 -14.07
CA LEU B 159 4.14 24.15 -13.64
C LEU B 159 3.66 23.14 -12.61
N VAL B 160 4.16 21.91 -12.68
CA VAL B 160 3.90 20.86 -11.66
C VAL B 160 4.54 21.31 -10.34
N LEU B 161 5.71 21.95 -10.38
CA LEU B 161 6.42 22.35 -9.14
C LEU B 161 5.78 23.64 -8.57
N ILE B 162 5.67 24.66 -9.41
CA ILE B 162 5.27 26.04 -9.04
C ILE B 162 3.75 26.11 -9.13
N THR B 163 3.08 25.72 -8.05
CA THR B 163 1.61 25.55 -8.03
C THR B 163 1.12 25.78 -6.61
N ASP B 164 -0.18 26.01 -6.45
CA ASP B 164 -0.82 26.21 -5.11
C ASP B 164 -0.61 24.94 -4.31
N ARG B 165 -0.17 25.08 -3.05
CA ARG B 165 -0.18 24.00 -2.02
C ARG B 165 -0.60 24.63 -0.70
N HIS B 166 -1.25 23.84 0.16
CA HIS B 166 -1.59 24.18 1.56
C HIS B 166 -0.28 24.39 2.32
N GLY B 167 -0.16 25.50 3.06
CA GLY B 167 0.95 25.80 3.96
C GLY B 167 2.04 26.66 3.32
N LEU B 168 1.83 27.17 2.10
CA LEU B 168 2.72 28.19 1.49
C LEU B 168 2.63 29.47 2.32
N GLN B 169 3.78 30.06 2.63
CA GLN B 169 3.91 31.38 3.30
C GLN B 169 3.55 32.50 2.31
N GLU B 170 3.96 32.42 1.04
CA GLU B 170 3.70 33.48 0.03
C GLU B 170 3.05 32.86 -1.20
N PRO B 171 1.78 32.43 -1.10
CA PRO B 171 1.07 31.84 -2.25
C PRO B 171 0.90 32.76 -3.47
N ARG B 172 0.68 34.06 -3.23
CA ARG B 172 0.54 35.08 -4.30
C ARG B 172 1.80 35.08 -5.14
N ARG B 173 2.98 34.94 -4.52
CA ARG B 173 4.29 35.00 -5.23
C ARG B 173 4.45 33.73 -6.06
N VAL B 174 3.99 32.60 -5.54
CA VAL B 174 4.00 31.31 -6.28
C VAL B 174 3.04 31.44 -7.46
N GLU B 175 1.81 31.92 -7.26
CA GLU B 175 0.82 32.12 -8.35
C GLU B 175 1.39 33.07 -9.41
N GLU B 176 2.02 34.16 -8.98
CA GLU B 176 2.69 35.14 -9.86
C GLU B 176 3.64 34.35 -10.77
N LEU B 177 4.56 33.58 -10.20
CA LEU B 177 5.58 32.81 -10.95
C LEU B 177 4.92 31.71 -11.79
N GLN B 178 3.87 31.08 -11.29
CA GLN B 178 3.04 30.13 -12.07
C GLN B 178 2.59 30.87 -13.34
N ASN B 179 1.86 31.98 -13.16
CA ASN B 179 1.32 32.86 -14.23
C ASN B 179 2.42 33.12 -15.24
N ARG B 180 3.62 33.51 -14.79
CA ARG B 180 4.76 33.84 -15.68
C ARG B 180 5.10 32.63 -16.56
N ILE B 181 5.22 31.44 -15.94
CA ILE B 181 5.62 30.18 -16.64
C ILE B 181 4.49 29.76 -17.58
N ALA B 182 3.23 29.91 -17.18
CA ALA B 182 2.03 29.66 -18.03
C ALA B 182 2.11 30.47 -19.32
N SER B 183 2.37 31.78 -19.24
CA SER B 183 2.44 32.70 -20.41
C SER B 183 3.57 32.26 -21.34
N CYS B 184 4.72 31.92 -20.76
CA CYS B 184 5.94 31.46 -21.48
C CYS B 184 5.60 30.24 -22.34
N LEU B 185 4.68 29.41 -21.84
CA LEU B 185 4.23 28.14 -22.47
C LEU B 185 3.25 28.46 -23.61
N LYS B 186 2.14 29.15 -23.32
CA LYS B 186 1.15 29.61 -24.33
C LYS B 186 1.89 30.25 -25.50
N GLU B 187 2.71 31.27 -25.22
CA GLU B 187 3.50 32.03 -26.23
C GLU B 187 4.22 31.04 -27.14
N HIS B 188 4.83 29.99 -26.59
CA HIS B 188 5.62 28.96 -27.32
C HIS B 188 4.72 28.01 -28.14
N VAL B 189 3.55 27.62 -27.61
CA VAL B 189 2.63 26.69 -28.33
C VAL B 189 2.00 27.41 -29.52
N ALA B 190 1.74 28.72 -29.42
CA ALA B 190 1.31 29.61 -30.54
C ALA B 190 2.46 29.78 -31.53
N ALA B 191 3.71 29.90 -31.06
CA ALA B 191 4.92 30.11 -31.91
C ALA B 191 5.08 28.97 -32.93
N VAL B 192 5.00 27.71 -32.47
CA VAL B 192 5.14 26.49 -33.33
C VAL B 192 3.85 26.26 -34.15
N ALA B 193 2.71 26.84 -33.75
CA ALA B 193 1.40 26.74 -34.45
C ALA B 193 1.10 28.05 -35.17
N CYS B 201 -4.32 19.48 -27.58
CA CYS B 201 -3.14 18.81 -26.96
C CYS B 201 -2.94 19.30 -25.51
N LEU B 202 -3.22 20.58 -25.22
CA LEU B 202 -3.14 21.14 -23.83
C LEU B 202 -4.27 20.53 -22.98
N SER B 203 -5.52 20.70 -23.39
CA SER B 203 -6.66 19.99 -22.77
C SER B 203 -6.36 18.48 -22.80
N ARG B 204 -5.65 17.97 -23.82
CA ARG B 204 -5.34 16.52 -23.95
C ARG B 204 -4.29 16.13 -22.90
N LEU B 205 -3.32 17.01 -22.66
CA LEU B 205 -2.31 16.85 -21.58
C LEU B 205 -3.01 16.80 -20.23
N LEU B 206 -3.89 17.78 -19.95
CA LEU B 206 -4.67 17.87 -18.69
C LEU B 206 -5.51 16.60 -18.47
N GLY B 207 -5.92 15.91 -19.54
CA GLY B 207 -6.72 14.66 -19.50
C GLY B 207 -5.98 13.52 -18.82
N LYS B 208 -4.64 13.57 -18.82
CA LYS B 208 -3.70 12.53 -18.28
C LYS B 208 -3.24 12.90 -16.86
N LEU B 209 -3.78 13.94 -16.26
CA LEU B 209 -3.36 14.44 -14.92
C LEU B 209 -3.90 13.52 -13.82
N PRO B 210 -5.14 12.98 -13.89
CA PRO B 210 -5.55 11.91 -12.98
C PRO B 210 -4.69 10.63 -13.04
N GLU B 211 -4.25 10.19 -14.22
CA GLU B 211 -3.36 9.00 -14.35
C GLU B 211 -2.09 9.27 -13.55
N LEU B 212 -1.60 10.52 -13.57
CA LEU B 212 -0.37 10.95 -12.86
C LEU B 212 -0.61 10.95 -11.34
N ARG B 213 -1.81 11.35 -10.91
CA ARG B 213 -2.20 11.46 -9.50
C ARG B 213 -2.27 10.04 -8.91
N THR B 214 -2.89 9.13 -9.65
CA THR B 214 -2.93 7.69 -9.35
C THR B 214 -1.52 7.13 -9.18
N LEU B 215 -0.61 7.47 -10.09
CA LEU B 215 0.80 7.00 -10.08
C LEU B 215 1.50 7.57 -8.84
N CYS B 216 1.17 8.78 -8.41
CA CYS B 216 1.71 9.34 -7.15
C CYS B 216 1.21 8.49 -5.99
N THR B 217 -0.08 8.17 -6.00
CA THR B 217 -0.68 7.26 -4.99
C THR B 217 0.08 5.94 -5.01
N GLN B 218 0.35 5.35 -6.17
CA GLN B 218 1.00 4.02 -6.28
C GLN B 218 2.38 4.08 -5.62
N GLY B 219 3.11 5.18 -5.83
CA GLY B 219 4.44 5.37 -5.22
C GLY B 219 4.34 5.44 -3.70
N LEU B 220 3.34 6.13 -3.16
CA LEU B 220 3.13 6.18 -1.69
C LEU B 220 2.79 4.77 -1.21
N GLN B 221 1.94 4.05 -1.91
CA GLN B 221 1.58 2.63 -1.59
C GLN B 221 2.84 1.77 -1.54
N ARG B 222 3.75 1.94 -2.49
CA ARG B 222 4.95 1.09 -2.59
C ARG B 222 5.89 1.38 -1.41
N ILE B 223 6.12 2.65 -1.11
CA ILE B 223 7.00 3.09 0.01
C ILE B 223 6.40 2.58 1.31
N PHE B 224 5.08 2.76 1.51
CA PHE B 224 4.34 2.23 2.68
C PHE B 224 4.76 0.77 2.85
N TYR B 225 4.55 -0.01 1.81
CA TYR B 225 4.76 -1.47 1.81
C TYR B 225 6.21 -1.78 2.18
N LEU B 226 7.15 -1.07 1.55
CA LEU B 226 8.60 -1.26 1.79
C LEU B 226 8.95 -0.85 3.23
N LYS B 227 8.31 0.17 3.78
CA LYS B 227 8.51 0.58 5.19
C LYS B 227 7.97 -0.50 6.12
N LEU B 228 6.79 -1.04 5.82
CA LEU B 228 6.22 -2.21 6.53
C LEU B 228 7.25 -3.33 6.58
N GLU B 229 7.82 -3.65 5.42
CA GLU B 229 8.73 -4.81 5.20
C GLU B 229 10.09 -4.52 5.87
N ASP B 230 10.65 -3.33 5.68
CA ASP B 230 11.83 -2.76 6.40
C ASP B 230 13.09 -3.61 6.18
N LEU B 231 13.28 -4.17 4.99
CA LEU B 231 14.55 -4.83 4.63
C LEU B 231 15.72 -3.87 4.88
N VAL B 232 15.61 -2.65 4.35
CA VAL B 232 16.49 -1.50 4.69
C VAL B 232 15.57 -0.30 4.94
N PRO B 233 15.93 0.61 5.86
CA PRO B 233 15.07 1.73 6.17
C PRO B 233 15.11 2.69 4.99
N PRO B 234 14.04 3.51 4.82
CA PRO B 234 14.06 4.55 3.80
C PRO B 234 15.07 5.60 4.25
N PRO B 235 15.77 6.27 3.31
CA PRO B 235 16.62 7.39 3.69
C PRO B 235 15.80 8.53 4.29
N PRO B 236 16.37 9.30 5.27
CA PRO B 236 15.58 10.28 6.03
C PRO B 236 14.74 11.24 5.18
N ILE B 237 15.29 11.69 4.06
CA ILE B 237 14.71 12.80 3.25
C ILE B 237 13.48 12.26 2.51
N ILE B 238 13.58 11.05 1.95
CA ILE B 238 12.43 10.35 1.30
C ILE B 238 11.38 10.09 2.37
N ASP B 239 11.79 9.59 3.52
CA ASP B 239 10.88 9.32 4.66
C ASP B 239 10.12 10.60 5.01
N LYS B 240 10.78 11.75 5.03
CA LYS B 240 10.13 13.01 5.45
C LYS B 240 9.12 13.41 4.38
N ILE B 241 9.51 13.26 3.11
CA ILE B 241 8.57 13.50 1.98
C ILE B 241 7.37 12.56 2.16
N PHE B 242 7.59 11.28 2.47
CA PHE B 242 6.51 10.28 2.64
C PHE B 242 5.57 10.78 3.75
N MET B 243 6.12 11.06 4.94
CA MET B 243 5.32 11.45 6.14
C MET B 243 4.63 12.81 5.89
N ASP B 244 5.36 13.81 5.40
CA ASP B 244 4.81 15.18 5.25
C ASP B 244 3.74 15.21 4.18
N THR B 245 3.64 14.17 3.35
CA THR B 245 2.83 14.16 2.12
C THR B 245 1.58 13.30 2.34
N LEU B 246 1.41 12.73 3.54
CA LEU B 246 0.19 11.99 3.96
C LEU B 246 -0.78 12.95 4.65
N PRO B 247 -1.93 13.30 4.04
CA PRO B 247 -2.96 14.07 4.75
C PRO B 247 -3.70 13.29 5.85
N PHE B 248 -3.04 13.03 6.99
CA PHE B 248 -3.60 12.44 8.24
C PHE B 248 -2.45 12.22 9.24
C1 A1D7W C . 0.49 14.20 -18.54
C2 A1D7W C . -0.34 14.88 -17.47
C3 A1D7W C . 0.26 16.14 -16.87
C4 A1D7W C . 1.59 16.56 -17.45
C5 A1D7W C . 1.99 17.96 -17.10
C6 A1D7W C . 0.94 18.98 -17.41
C7 A1D7W C . 0.32 19.59 -16.21
C8 A1D7W C . 1.09 20.77 -15.69
C9 A1D7W C . 0.89 21.08 -14.23
C10 A1D7W C . -0.52 20.87 -13.75
C11 A1D7W C . -1.47 21.97 -14.15
C12 A1D7W C . -0.99 23.37 -13.81
O1 A1D7W C . -0.53 23.40 -12.45
C13 A1D7W C . -1.42 23.00 -11.56
O2 A1D7W C . -2.42 23.64 -11.32
C14 A1D7W C . -1.02 21.73 -10.87
C15 A1D7W C . 0.32 21.58 -10.44
C16 A1D7W C . 0.75 20.45 -9.78
C17 A1D7W C . -0.20 19.46 -9.54
N1 A1D7W C . -0.10 18.25 -8.90
C18 A1D7W C . -1.32 17.70 -8.97
N2 A1D7W C . -2.21 18.43 -9.58
C19 A1D7W C . -1.53 19.58 -9.95
C20 A1D7W C . -1.95 20.74 -10.63
#